data_3DOM
#
_entry.id   3DOM
#
_cell.length_a   37.583
_cell.length_b   103.593
_cell.length_c   114.345
_cell.angle_alpha   90.000
_cell.angle_beta   90.000
_cell.angle_gamma   90.000
#
_symmetry.space_group_name_H-M   'P 21 21 21'
#
loop_
_entity.id
_entity.type
_entity.pdbx_description
1 polymer 'RNA polymerase II transcription factor B subunit 2'
2 polymer 'RNA polymerase II transcription factor B subunit 5'
3 water water
#
loop_
_entity_poly.entity_id
_entity_poly.type
_entity_poly.pdbx_seq_one_letter_code
_entity_poly.pdbx_strand_id
1 'polypeptide(L)'
;GPHMASAEEKLEKKLELDPNCKEPLQVLPPTVVDQIRLWQLELDRVITYEGSLYSDFETSQEYNLLSKYAQDIGVLLWKD
DKKKKFFISKEGNSQVLDFAKRKLKKKQ
;
A,C
2 'polypeptide(L)' ARARKGALVQCDPSIKALILQIDAKMSDIVLEELDDTHLLVNPSKVEFVKHELNRLLSKNIYNPMDEEENQ B,D
#
# COMPACT_ATOMS: atom_id res chain seq x y z
N VAL A 32 -28.67 -15.51 -17.65
CA VAL A 32 -27.99 -16.21 -16.52
C VAL A 32 -26.82 -15.29 -16.11
N VAL A 33 -25.77 -15.85 -15.51
CA VAL A 33 -24.67 -14.99 -15.07
C VAL A 33 -23.36 -15.09 -15.90
N ASP A 34 -23.49 -14.86 -17.20
CA ASP A 34 -22.34 -14.54 -17.99
C ASP A 34 -22.43 -13.03 -17.97
N GLN A 35 -23.19 -12.56 -16.98
CA GLN A 35 -23.13 -11.19 -16.57
C GLN A 35 -21.74 -11.02 -15.98
N ILE A 36 -21.30 -12.04 -15.26
CA ILE A 36 -19.97 -12.04 -14.69
C ILE A 36 -18.96 -11.98 -15.80
N ARG A 37 -19.29 -12.61 -16.92
CA ARG A 37 -18.38 -12.63 -18.03
C ARG A 37 -18.26 -11.22 -18.64
N LEU A 38 -19.36 -10.45 -18.66
CA LEU A 38 -19.32 -9.10 -19.22
C LEU A 38 -18.62 -8.17 -18.26
N TRP A 39 -18.62 -8.54 -16.99
CA TRP A 39 -17.97 -7.71 -15.99
C TRP A 39 -16.47 -7.90 -16.08
N GLN A 40 -16.05 -9.12 -16.27
CA GLN A 40 -14.65 -9.43 -16.50
C GLN A 40 -14.12 -8.77 -17.80
N LEU A 41 -14.87 -8.87 -18.88
CA LEU A 41 -14.50 -8.17 -20.10
C LEU A 41 -14.28 -6.68 -19.83
N GLU A 42 -15.20 -6.02 -19.10
CA GLU A 42 -15.09 -4.57 -18.83
C GLU A 42 -13.92 -4.31 -17.92
N LEU A 43 -13.72 -5.24 -16.99
CA LEU A 43 -12.55 -5.21 -16.13
C LEU A 43 -11.24 -5.24 -16.96
N ASP A 44 -11.16 -6.05 -18.02
CA ASP A 44 -9.99 -6.02 -18.88
C ASP A 44 -9.92 -4.76 -19.76
N ARG A 45 -10.91 -3.88 -19.68
CA ARG A 45 -10.82 -2.62 -20.44
C ARG A 45 -10.35 -1.44 -19.56
N VAL A 46 -10.05 -1.71 -18.28
CA VAL A 46 -9.31 -0.76 -17.42
C VAL A 46 -7.87 -0.43 -17.90
N ILE A 47 -7.50 0.83 -17.90
CA ILE A 47 -6.19 1.29 -18.33
C ILE A 47 -5.54 2.04 -17.17
N THR A 48 -4.29 1.72 -16.86
CA THR A 48 -3.61 2.49 -15.84
C THR A 48 -2.26 3.02 -16.32
N TYR A 49 -1.90 4.28 -16.02
CA TYR A 49 -0.63 4.80 -16.50
C TYR A 49 0.22 5.31 -15.37
N GLU A 50 1.52 5.17 -15.46
CA GLU A 50 2.41 5.87 -14.52
C GLU A 50 2.62 7.31 -14.99
N GLY A 51 2.75 8.23 -14.06
CA GLY A 51 3.11 9.56 -14.44
C GLY A 51 2.90 10.48 -13.28
N SER A 52 2.56 11.71 -13.59
CA SER A 52 2.60 12.79 -12.63
C SER A 52 1.41 13.66 -12.81
N LEU A 53 0.77 13.97 -11.69
CA LEU A 53 -0.31 14.90 -11.66
C LEU A 53 0.26 16.29 -11.37
N TYR A 54 -0.08 17.27 -12.22
CA TYR A 54 0.30 18.67 -11.99
C TYR A 54 -0.88 19.47 -11.48
N SER A 55 -0.65 20.27 -10.43
CA SER A 55 -1.73 21.02 -9.80
C SER A 55 -1.19 22.24 -9.14
N ASP A 56 -2.09 22.98 -8.47
CA ASP A 56 -1.75 24.20 -7.71
C ASP A 56 -1.22 25.36 -8.59
N PHE A 57 -1.80 25.57 -9.77
CA PHE A 57 -1.37 26.66 -10.61
C PHE A 57 -1.81 28.08 -10.17
N GLU A 58 -0.87 29.00 -10.17
CA GLU A 58 -1.17 30.41 -9.89
C GLU A 58 -2.20 30.93 -10.86
N THR A 59 -1.93 30.74 -12.15
CA THR A 59 -2.72 31.36 -13.18
C THR A 59 -3.26 30.33 -14.19
N SER A 60 -4.45 30.61 -14.71
CA SER A 60 -5.01 29.89 -15.83
C SER A 60 -3.99 29.85 -16.94
N GLN A 61 -3.34 30.97 -17.19
CA GLN A 61 -2.36 31.02 -18.25
C GLN A 61 -1.27 29.94 -18.20
N GLU A 62 -0.64 29.79 -17.04
CA GLU A 62 0.43 28.81 -16.89
C GLU A 62 -0.08 27.37 -16.96
N TYR A 63 -1.20 27.08 -16.29
CA TYR A 63 -1.84 25.78 -16.38
C TYR A 63 -2.12 25.46 -17.85
N ASN A 64 -2.67 26.44 -18.59
CA ASN A 64 -2.99 26.25 -20.01
C ASN A 64 -1.75 26.13 -20.89
N LEU A 65 -0.69 26.83 -20.52
CA LEU A 65 0.57 26.72 -21.26
C LEU A 65 1.19 25.28 -21.11
N LEU A 66 1.34 24.76 -19.90
CA LEU A 66 1.96 23.45 -19.79
C LEU A 66 1.14 22.29 -20.32
N SER A 67 -0.17 22.35 -20.13
CA SER A 67 -0.98 21.27 -20.62
C SER A 67 -1.07 21.35 -22.10
N LYS A 68 -1.00 22.53 -22.72
CA LYS A 68 -1.06 22.53 -24.16
C LYS A 68 0.24 22.05 -24.75
N TYR A 69 1.35 22.40 -24.10
CA TYR A 69 2.62 21.81 -24.47
C TYR A 69 2.56 20.25 -24.34
N ALA A 70 2.07 19.75 -23.19
CA ALA A 70 2.00 18.30 -23.03
C ALA A 70 1.10 17.71 -24.11
N GLN A 71 -0.06 18.31 -24.40
CA GLN A 71 -0.91 17.84 -25.49
C GLN A 71 -0.12 17.81 -26.77
N ASP A 72 0.72 18.82 -27.02
CA ASP A 72 1.46 18.93 -28.28
C ASP A 72 2.58 17.88 -28.45
N ILE A 73 3.18 17.44 -27.36
CA ILE A 73 4.20 16.40 -27.51
C ILE A 73 3.66 14.98 -27.19
N GLY A 74 2.36 14.88 -26.94
CA GLY A 74 1.73 13.58 -26.90
C GLY A 74 1.83 12.84 -25.59
N VAL A 75 1.92 13.56 -24.49
CA VAL A 75 2.13 12.91 -23.24
C VAL A 75 1.09 13.31 -22.20
N LEU A 76 0.05 13.99 -22.66
CA LEU A 76 -1.05 14.38 -21.81
C LEU A 76 -2.07 13.23 -21.76
N LEU A 77 -2.47 12.83 -20.56
CA LEU A 77 -3.34 11.67 -20.42
C LEU A 77 -4.67 12.13 -19.98
N TRP A 78 -4.70 13.24 -19.24
CA TRP A 78 -5.95 13.75 -18.67
C TRP A 78 -5.79 15.21 -18.26
N LYS A 79 -6.84 16.00 -18.32
CA LYS A 79 -6.83 17.34 -17.75
C LYS A 79 -8.21 17.81 -17.35
N ASP A 80 -8.31 18.89 -16.59
CA ASP A 80 -9.58 19.48 -16.21
C ASP A 80 -9.38 20.96 -15.91
N ASP A 81 -9.72 21.77 -16.90
CA ASP A 81 -9.61 23.21 -16.81
C ASP A 81 -10.10 23.79 -15.46
N LYS A 82 -11.26 23.34 -15.00
CA LYS A 82 -11.85 23.97 -13.79
C LYS A 82 -11.06 23.77 -12.51
N LYS A 83 -10.19 22.78 -12.52
CA LYS A 83 -9.51 22.37 -11.32
C LYS A 83 -8.06 22.80 -11.47
N LYS A 84 -7.75 23.24 -12.68
CA LYS A 84 -6.37 23.54 -13.07
C LYS A 84 -5.43 22.39 -12.73
N LYS A 85 -5.83 21.19 -13.13
CA LYS A 85 -5.02 20.01 -12.94
C LYS A 85 -4.87 19.28 -14.25
N PHE A 86 -3.73 18.61 -14.41
CA PHE A 86 -3.57 17.61 -15.44
C PHE A 86 -2.57 16.53 -15.06
N PHE A 87 -2.65 15.44 -15.82
CA PHE A 87 -1.80 14.28 -15.58
C PHE A 87 -1.01 13.96 -16.85
N ILE A 88 0.28 13.68 -16.65
CA ILE A 88 1.22 13.43 -17.73
C ILE A 88 1.88 12.08 -17.59
N SER A 89 2.17 11.42 -18.69
CA SER A 89 2.78 10.12 -18.57
C SER A 89 4.20 10.28 -18.04
N LYS A 90 4.71 9.18 -17.51
CA LYS A 90 6.02 9.14 -16.95
C LYS A 90 7.03 9.56 -18.01
N GLU A 91 6.77 9.18 -19.26
CA GLU A 91 7.85 9.29 -20.24
C GLU A 91 7.91 10.69 -20.75
N GLY A 92 6.87 11.45 -20.43
CA GLY A 92 6.84 12.84 -20.79
C GLY A 92 7.23 13.72 -19.63
N ASN A 93 7.54 13.12 -18.50
CA ASN A 93 7.71 13.95 -17.35
C ASN A 93 8.85 14.94 -17.50
N SER A 94 10.06 14.52 -17.82
CA SER A 94 11.13 15.52 -17.91
C SER A 94 10.99 16.55 -19.02
N GLN A 95 10.31 16.21 -20.10
CA GLN A 95 10.19 17.17 -21.17
C GLN A 95 9.40 18.35 -20.68
N VAL A 96 8.33 18.09 -19.91
CA VAL A 96 7.49 19.16 -19.45
C VAL A 96 8.09 19.95 -18.28
N LEU A 97 8.83 19.28 -17.39
CA LEU A 97 9.62 20.01 -16.39
C LEU A 97 10.60 20.92 -17.05
N ASP A 98 11.33 20.41 -18.03
CA ASP A 98 12.30 21.27 -18.66
C ASP A 98 11.62 22.43 -19.37
N PHE A 99 10.48 22.18 -20.04
CA PHE A 99 9.73 23.30 -20.64
C PHE A 99 9.31 24.30 -19.58
N ALA A 100 8.80 23.81 -18.45
CA ALA A 100 8.44 24.68 -17.33
C ALA A 100 9.57 25.56 -16.83
N LYS A 101 10.77 25.00 -16.65
CA LYS A 101 11.88 25.84 -16.24
C LYS A 101 12.12 26.94 -17.26
N ARG A 102 12.10 26.59 -18.54
CA ARG A 102 12.51 27.54 -19.56
C ARG A 102 11.50 28.67 -19.75
N LYS A 103 10.20 28.36 -19.59
CA LYS A 103 9.17 29.31 -19.97
C LYS A 103 8.39 29.97 -18.82
N LEU A 104 8.81 29.72 -17.58
CA LEU A 104 8.19 30.29 -16.38
C LEU A 104 9.28 30.44 -15.35
N ALA B 1 2.17 24.61 -10.55
CA ALA B 1 3.25 24.84 -9.55
C ALA B 1 3.70 23.61 -8.77
N ARG B 2 2.85 22.58 -8.65
CA ARG B 2 3.20 21.33 -7.95
C ARG B 2 3.03 20.10 -8.86
N ALA B 3 3.95 19.13 -8.75
CA ALA B 3 3.84 17.78 -9.37
C ALA B 3 3.80 16.62 -8.36
N ARG B 4 2.92 15.65 -8.54
CA ARG B 4 3.04 14.47 -7.69
C ARG B 4 2.92 13.14 -8.47
N LYS B 5 3.85 12.22 -8.26
CA LYS B 5 3.83 10.94 -8.95
C LYS B 5 2.62 10.17 -8.51
N GLY B 6 2.05 9.42 -9.43
CA GLY B 6 0.89 8.61 -9.13
C GLY B 6 0.56 7.69 -10.29
N ALA B 7 -0.57 7.02 -10.16
CA ALA B 7 -0.99 6.11 -11.18
C ALA B 7 -2.35 6.59 -11.53
N LEU B 8 -2.59 6.77 -12.82
CA LEU B 8 -3.86 7.29 -13.23
C LEU B 8 -4.63 6.13 -13.70
N VAL B 9 -5.81 5.94 -13.14
CA VAL B 9 -6.59 4.75 -13.48
C VAL B 9 -7.79 5.25 -14.22
N GLN B 10 -8.03 4.71 -15.40
CA GLN B 10 -9.10 5.12 -16.26
C GLN B 10 -9.99 3.93 -16.49
N CYS B 11 -11.25 4.07 -16.10
CA CYS B 11 -12.13 2.92 -16.09
C CYS B 11 -13.56 3.33 -16.18
N ASP B 12 -14.40 2.39 -16.55
CA ASP B 12 -15.82 2.65 -16.64
C ASP B 12 -16.39 3.03 -15.25
N PRO B 13 -17.37 3.93 -15.21
CA PRO B 13 -17.92 4.25 -13.91
C PRO B 13 -18.26 3.03 -13.05
N SER B 14 -18.67 1.92 -13.67
CA SER B 14 -19.09 0.74 -12.87
C SER B 14 -17.92 0.21 -12.04
N ILE B 15 -16.74 0.20 -12.65
CA ILE B 15 -15.51 -0.31 -12.04
C ILE B 15 -14.95 0.74 -11.07
N LYS B 16 -15.10 2.01 -11.37
CA LYS B 16 -14.70 3.04 -10.42
C LYS B 16 -15.39 2.74 -9.10
N ALA B 17 -16.64 2.29 -9.14
CA ALA B 17 -17.37 2.17 -7.90
C ALA B 17 -16.84 1.03 -7.07
N LEU B 18 -16.28 0.02 -7.73
CA LEU B 18 -15.77 -1.16 -7.05
C LEU B 18 -14.45 -0.82 -6.33
N ILE B 19 -13.60 -0.12 -7.07
CA ILE B 19 -12.36 0.43 -6.55
C ILE B 19 -12.59 1.25 -5.27
N LEU B 20 -13.48 2.23 -5.32
CA LEU B 20 -13.77 3.03 -4.15
C LEU B 20 -14.27 2.17 -2.99
N GLN B 21 -14.95 1.08 -3.30
CA GLN B 21 -15.42 0.22 -2.22
C GLN B 21 -14.26 -0.63 -1.73
N ILE B 22 -13.37 -1.03 -2.61
CA ILE B 22 -12.20 -1.74 -2.14
C ILE B 22 -11.39 -0.85 -1.20
N ASP B 23 -11.27 0.42 -1.59
CA ASP B 23 -10.51 1.40 -0.85
C ASP B 23 -11.16 1.69 0.49
N ALA B 24 -12.49 1.76 0.52
CA ALA B 24 -13.22 1.94 1.79
C ALA B 24 -12.69 1.02 2.87
N LYS B 25 -12.45 -0.24 2.50
CA LYS B 25 -12.14 -1.28 3.48
C LYS B 25 -10.66 -1.53 3.65
N MET B 26 -9.86 -1.18 2.65
CA MET B 26 -8.43 -1.35 2.81
C MET B 26 -7.79 -0.01 3.02
N SER B 27 -8.46 1.03 2.54
CA SER B 27 -8.14 2.39 2.97
C SER B 27 -6.98 3.13 2.27
N ASP B 28 -5.98 2.41 1.75
CA ASP B 28 -4.76 3.12 1.38
C ASP B 28 -4.51 3.34 -0.13
N ILE B 29 -5.59 3.34 -0.88
CA ILE B 29 -5.51 3.05 -2.27
C ILE B 29 -5.75 4.29 -3.13
N VAL B 30 -6.80 5.03 -2.81
CA VAL B 30 -7.17 6.17 -3.66
C VAL B 30 -6.65 7.51 -3.14
N LEU B 31 -5.81 8.14 -3.95
CA LEU B 31 -5.27 9.46 -3.64
C LEU B 31 -6.33 10.52 -3.93
N GLU B 32 -7.14 10.34 -4.96
CA GLU B 32 -8.01 11.42 -5.39
C GLU B 32 -8.97 10.96 -6.47
N GLU B 33 -10.19 11.42 -6.40
CA GLU B 33 -11.15 11.02 -7.38
C GLU B 33 -11.14 12.12 -8.44
N LEU B 34 -10.68 11.83 -9.65
CA LEU B 34 -10.43 12.90 -10.61
C LEU B 34 -11.65 13.30 -11.42
N ASP B 35 -12.29 12.36 -12.10
CA ASP B 35 -13.67 12.58 -12.66
C ASP B 35 -14.37 11.23 -12.74
N ASP B 36 -15.42 11.15 -13.55
CA ASP B 36 -16.27 9.96 -13.65
C ASP B 36 -15.50 8.68 -14.00
N THR B 37 -14.49 8.84 -14.85
CA THR B 37 -13.79 7.66 -15.34
C THR B 37 -12.32 7.67 -14.97
N HIS B 38 -11.90 8.54 -14.05
CA HIS B 38 -10.48 8.59 -13.66
C HIS B 38 -10.33 8.70 -12.16
N LEU B 39 -9.33 7.96 -11.67
CA LEU B 39 -8.92 7.97 -10.28
C LEU B 39 -7.42 8.15 -10.29
N LEU B 40 -6.90 8.90 -9.32
CA LEU B 40 -5.49 8.93 -8.97
C LEU B 40 -5.26 7.95 -7.80
N VAL B 41 -4.41 6.95 -8.00
CA VAL B 41 -4.28 5.82 -7.10
C VAL B 41 -2.84 5.68 -6.60
N ASN B 42 -2.67 5.13 -5.42
CA ASN B 42 -1.32 4.93 -4.89
C ASN B 42 -0.61 3.90 -5.78
N PRO B 43 0.55 4.27 -6.37
CA PRO B 43 1.19 3.46 -7.41
C PRO B 43 1.50 2.06 -6.98
N SER B 44 1.97 1.93 -5.73
CA SER B 44 2.20 0.63 -5.11
C SER B 44 0.93 -0.23 -4.97
N LYS B 45 -0.25 0.37 -5.12
CA LYS B 45 -1.50 -0.39 -4.96
C LYS B 45 -2.18 -0.89 -6.22
N VAL B 46 -1.72 -0.46 -7.41
CA VAL B 46 -2.30 -0.91 -8.70
C VAL B 46 -2.35 -2.46 -8.84
N GLU B 47 -1.24 -3.11 -8.55
CA GLU B 47 -1.24 -4.55 -8.45
C GLU B 47 -2.45 -5.05 -7.67
N PHE B 48 -2.53 -4.58 -6.42
CA PHE B 48 -3.46 -5.08 -5.42
C PHE B 48 -4.88 -4.86 -5.89
N VAL B 49 -5.20 -3.63 -6.28
CA VAL B 49 -6.51 -3.33 -6.87
C VAL B 49 -6.86 -4.24 -8.06
N LYS B 50 -5.96 -4.37 -9.06
CA LYS B 50 -6.23 -5.26 -10.20
C LYS B 50 -6.43 -6.73 -9.76
N HIS B 51 -5.61 -7.21 -8.82
CA HIS B 51 -5.80 -8.52 -8.18
C HIS B 51 -7.15 -8.65 -7.45
N GLU B 52 -7.46 -7.71 -6.57
CA GLU B 52 -8.70 -7.73 -5.81
C GLU B 52 -9.94 -7.60 -6.68
N LEU B 53 -9.88 -6.78 -7.71
CA LEU B 53 -11.01 -6.66 -8.59
C LEU B 53 -11.28 -8.00 -9.23
N ASN B 54 -10.25 -8.66 -9.71
CA ASN B 54 -10.43 -9.94 -10.41
C ASN B 54 -11.07 -10.99 -9.55
N ARG B 55 -10.78 -10.90 -8.25
CA ARG B 55 -11.21 -11.89 -7.28
C ARG B 55 -12.67 -11.71 -6.95
N LEU B 56 -13.12 -10.46 -6.91
CA LEU B 56 -14.52 -10.18 -6.64
C LEU B 56 -15.41 -10.90 -7.63
N LEU B 57 -14.86 -11.22 -8.81
CA LEU B 57 -15.56 -12.04 -9.80
C LEU B 57 -15.18 -13.53 -9.61
N SER B 58 -15.80 -14.17 -8.61
CA SER B 58 -15.60 -15.59 -8.25
C SER B 58 -16.37 -15.90 -6.98
N GLN C 26 35.91 -20.60 1.25
CA GLN C 26 36.36 -19.50 2.17
C GLN C 26 36.31 -19.84 3.70
N VAL C 27 37.45 -19.73 4.39
CA VAL C 27 37.52 -19.94 5.85
C VAL C 27 37.15 -18.69 6.67
N LEU C 28 36.06 -18.80 7.42
CA LEU C 28 35.59 -17.69 8.24
C LEU C 28 36.08 -17.82 9.67
N PRO C 29 36.15 -16.70 10.39
CA PRO C 29 36.64 -16.89 11.75
C PRO C 29 35.58 -16.79 12.80
N PRO C 30 35.61 -17.59 13.88
CA PRO C 30 34.92 -18.84 14.04
C PRO C 30 33.78 -18.11 14.74
N THR C 31 34.12 -16.88 15.11
CA THR C 31 33.26 -15.85 15.70
C THR C 31 32.24 -15.31 14.70
N VAL C 32 32.63 -15.28 13.43
CA VAL C 32 31.68 -14.85 12.39
C VAL C 32 30.63 -15.92 12.12
N VAL C 33 31.07 -17.18 12.02
CA VAL C 33 30.20 -18.36 11.94
C VAL C 33 29.13 -18.33 13.00
N ASP C 34 29.55 -17.97 14.21
CA ASP C 34 28.63 -17.79 15.31
C ASP C 34 27.56 -16.74 15.01
N GLN C 35 27.96 -15.61 14.46
CA GLN C 35 27.04 -14.51 14.33
C GLN C 35 26.04 -14.91 13.27
N ILE C 36 26.56 -15.36 12.15
CA ILE C 36 25.73 -15.87 11.07
C ILE C 36 24.77 -16.93 11.61
N ARG C 37 25.26 -17.82 12.46
CA ARG C 37 24.40 -18.83 13.06
C ARG C 37 23.35 -18.16 13.94
N LEU C 38 23.72 -17.13 14.71
CA LEU C 38 22.76 -16.45 15.58
C LEU C 38 21.71 -15.67 14.74
N TRP C 39 22.13 -15.06 13.64
CA TRP C 39 21.19 -14.35 12.79
C TRP C 39 20.22 -15.34 12.24
N GLN C 40 20.74 -16.43 11.69
CA GLN C 40 19.87 -17.47 11.17
C GLN C 40 18.80 -17.92 12.15
N LEU C 41 19.09 -18.09 13.42
CA LEU C 41 17.97 -18.47 14.23
C LEU C 41 17.11 -17.36 14.87
N GLU C 42 17.45 -16.08 14.68
CA GLU C 42 16.47 -15.05 14.98
C GLU C 42 15.48 -15.01 13.86
N LEU C 43 15.95 -15.37 12.68
CA LEU C 43 15.11 -15.48 11.51
C LEU C 43 14.03 -16.54 11.69
N ASP C 44 14.39 -17.72 12.22
CA ASP C 44 13.42 -18.77 12.52
C ASP C 44 12.59 -18.47 13.76
N ARG C 45 12.83 -17.33 14.40
CA ARG C 45 11.98 -16.92 15.50
C ARG C 45 10.95 -15.87 15.10
N VAL C 46 10.96 -15.37 13.86
CA VAL C 46 9.92 -14.48 13.47
C VAL C 46 8.52 -15.14 13.41
N ILE C 47 7.56 -14.52 14.09
CA ILE C 47 6.22 -15.04 14.23
C ILE C 47 5.34 -14.19 13.34
N THR C 48 4.39 -14.78 12.63
CA THR C 48 3.40 -13.95 11.89
C THR C 48 1.99 -14.46 12.13
N TYR C 49 1.01 -13.59 12.11
CA TYR C 49 -0.33 -14.01 12.41
C TYR C 49 -1.35 -13.46 11.45
N GLU C 50 -2.35 -14.25 11.07
CA GLU C 50 -3.43 -13.69 10.27
C GLU C 50 -4.36 -12.92 11.22
N GLY C 51 -4.88 -11.78 10.78
CA GLY C 51 -5.93 -11.08 11.53
C GLY C 51 -6.28 -9.67 11.07
N SER C 52 -6.66 -8.86 12.04
CA SER C 52 -7.24 -7.53 11.74
C SER C 52 -6.69 -6.41 12.64
N LEU C 53 -6.31 -5.28 12.04
CA LEU C 53 -5.92 -4.10 12.80
C LEU C 53 -7.13 -3.24 13.00
N TYR C 54 -7.35 -2.81 14.23
CA TYR C 54 -8.48 -1.94 14.58
C TYR C 54 -7.98 -0.55 14.83
N SER C 55 -8.62 0.48 14.28
CA SER C 55 -8.07 1.81 14.42
C SER C 55 -9.18 2.86 14.32
N ASP C 56 -8.81 4.16 14.35
CA ASP C 56 -9.75 5.29 14.27
C ASP C 56 -10.86 5.20 15.29
N PHE C 57 -10.52 5.00 16.55
CA PHE C 57 -11.51 5.11 17.56
C PHE C 57 -11.84 6.55 17.92
N GLU C 58 -13.13 6.83 18.08
CA GLU C 58 -13.60 8.12 18.60
C GLU C 58 -12.85 8.49 19.89
N THR C 59 -12.66 7.48 20.70
CA THR C 59 -12.67 7.66 22.08
C THR C 59 -11.67 6.68 22.69
N SER C 60 -10.85 7.18 23.61
CA SER C 60 -9.96 6.35 24.39
C SER C 60 -10.83 5.30 24.98
N GLN C 61 -11.97 5.69 25.53
CA GLN C 61 -12.93 4.71 26.12
C GLN C 61 -13.29 3.45 25.27
N GLU C 62 -13.85 3.60 24.06
CA GLU C 62 -14.11 2.43 23.19
C GLU C 62 -12.81 1.71 22.86
N TYR C 63 -11.75 2.43 22.54
CA TYR C 63 -10.50 1.73 22.29
C TYR C 63 -10.11 0.84 23.47
N ASN C 64 -10.20 1.35 24.70
CA ASN C 64 -9.85 0.53 25.87
C ASN C 64 -10.85 -0.56 26.13
N LEU C 65 -12.11 -0.32 25.80
CA LEU C 65 -13.16 -1.35 26.01
C LEU C 65 -12.94 -2.53 25.02
N LEU C 66 -12.85 -2.26 23.74
CA LEU C 66 -12.70 -3.35 22.77
C LEU C 66 -11.38 -4.11 22.97
N SER C 67 -10.31 -3.39 23.28
CA SER C 67 -9.05 -4.07 23.43
C SER C 67 -8.94 -4.77 24.75
N LYS C 68 -9.64 -4.29 25.76
CA LYS C 68 -9.71 -5.09 26.98
C LYS C 68 -10.59 -6.35 26.82
N TYR C 69 -11.68 -6.26 26.07
CA TYR C 69 -12.45 -7.45 25.79
C TYR C 69 -11.59 -8.51 25.02
N ALA C 70 -10.80 -8.05 24.04
CA ALA C 70 -9.97 -8.94 23.29
C ALA C 70 -8.93 -9.60 24.19
N GLN C 71 -8.41 -8.86 25.17
CA GLN C 71 -7.45 -9.43 26.06
C GLN C 71 -8.15 -10.48 26.92
N ASP C 72 -9.30 -10.17 27.51
CA ASP C 72 -10.05 -11.20 28.28
C ASP C 72 -10.35 -12.52 27.53
N ILE C 73 -10.69 -12.46 26.24
CA ILE C 73 -10.99 -13.66 25.55
C ILE C 73 -9.76 -14.24 24.84
N GLY C 74 -8.63 -13.58 25.03
CA GLY C 74 -7.35 -14.15 24.65
C GLY C 74 -7.11 -14.12 23.15
N VAL C 75 -7.58 -13.07 22.51
CA VAL C 75 -7.40 -12.96 21.09
C VAL C 75 -6.69 -11.68 20.74
N LEU C 76 -6.15 -10.97 21.72
CA LEU C 76 -5.44 -9.73 21.39
C LEU C 76 -3.97 -10.06 21.14
N LEU C 77 -3.37 -9.53 20.07
CA LEU C 77 -1.95 -9.89 19.80
C LEU C 77 -1.02 -8.71 19.98
N TRP C 78 -1.59 -7.52 19.91
CA TRP C 78 -0.77 -6.33 20.04
C TRP C 78 -1.68 -5.11 20.19
N LYS C 79 -1.18 -4.14 20.95
CA LYS C 79 -1.89 -2.90 21.14
C LYS C 79 -0.92 -1.76 21.39
N ASP C 80 -1.36 -0.55 21.03
CA ASP C 80 -0.62 0.64 21.38
C ASP C 80 -1.61 1.75 21.84
N ASP C 81 -1.53 2.12 23.12
CA ASP C 81 -2.45 3.09 23.68
C ASP C 81 -2.36 4.45 23.01
N LYS C 82 -1.16 4.86 22.61
CA LYS C 82 -0.90 6.20 22.03
C LYS C 82 -1.55 6.40 20.69
N LYS C 83 -1.58 5.31 19.93
CA LYS C 83 -2.05 5.38 18.60
C LYS C 83 -3.52 4.95 18.63
N LYS C 84 -3.99 4.50 19.78
CA LYS C 84 -5.27 3.82 19.83
C LYS C 84 -5.46 2.73 18.71
N LYS C 85 -4.56 1.73 18.64
CA LYS C 85 -4.74 0.65 17.69
C LYS C 85 -4.45 -0.69 18.34
N PHE C 86 -5.08 -1.73 17.82
CA PHE C 86 -4.73 -3.05 18.28
C PHE C 86 -4.96 -4.05 17.16
N PHE C 87 -4.29 -5.20 17.28
CA PHE C 87 -4.41 -6.23 16.27
C PHE C 87 -4.93 -7.43 16.99
N ILE C 88 -5.88 -8.12 16.40
CA ILE C 88 -6.41 -9.32 17.02
C ILE C 88 -6.41 -10.53 16.06
N SER C 89 -6.29 -11.73 16.61
CA SER C 89 -6.15 -12.87 15.71
C SER C 89 -7.41 -13.10 14.88
N LYS C 90 -7.22 -13.56 13.66
CA LYS C 90 -8.30 -13.92 12.80
C LYS C 90 -9.36 -14.73 13.52
N GLU C 91 -8.94 -15.70 14.34
CA GLU C 91 -9.85 -16.61 15.05
C GLU C 91 -10.85 -15.81 15.88
N GLY C 92 -10.37 -14.73 16.48
CA GLY C 92 -11.20 -13.90 17.33
C GLY C 92 -11.95 -12.73 16.70
N ASN C 93 -11.73 -12.50 15.42
CA ASN C 93 -12.42 -11.41 14.75
C ASN C 93 -13.91 -11.28 14.99
N SER C 94 -14.66 -12.31 14.63
CA SER C 94 -16.11 -12.19 14.72
C SER C 94 -16.63 -11.91 16.13
N GLN C 95 -16.03 -12.48 17.14
CA GLN C 95 -16.41 -12.14 18.51
C GLN C 95 -16.14 -10.69 18.89
N VAL C 96 -15.00 -10.16 18.44
CA VAL C 96 -14.72 -8.76 18.72
C VAL C 96 -15.71 -7.82 17.93
N LEU C 97 -16.06 -8.18 16.69
CA LEU C 97 -17.02 -7.36 15.94
C LEU C 97 -18.37 -7.39 16.60
N ASP C 98 -18.79 -8.59 16.98
CA ASP C 98 -20.12 -8.72 17.55
C ASP C 98 -20.20 -7.91 18.85
N PHE C 99 -19.20 -8.07 19.74
CA PHE C 99 -19.10 -7.25 20.95
C PHE C 99 -19.08 -5.76 20.62
N ALA C 100 -18.30 -5.35 19.61
CA ALA C 100 -18.32 -3.96 19.14
C ALA C 100 -19.73 -3.47 18.79
N LYS C 101 -20.52 -4.26 18.06
CA LYS C 101 -21.91 -3.82 17.78
C LYS C 101 -22.78 -3.73 19.02
N ARG C 102 -22.61 -4.63 19.99
CA ARG C 102 -23.39 -4.55 21.21
C ARG C 102 -22.73 -3.59 22.15
N ALA D 1 -13.56 2.90 14.92
CA ALA D 1 -14.17 1.59 14.58
C ALA D 1 -13.87 1.33 13.12
N ARG D 2 -12.96 0.41 12.84
CA ARG D 2 -12.47 0.20 11.48
C ARG D 2 -11.48 -0.95 11.51
N ALA D 3 -11.81 -2.05 10.84
CA ALA D 3 -10.91 -3.16 10.77
C ALA D 3 -10.22 -3.23 9.40
N ARG D 4 -9.03 -3.81 9.39
CA ARG D 4 -8.25 -3.90 8.21
C ARG D 4 -7.57 -5.25 8.36
N LYS D 5 -7.79 -6.16 7.43
CA LYS D 5 -7.13 -7.45 7.50
C LYS D 5 -5.69 -7.31 7.07
N GLY D 6 -4.82 -8.15 7.62
CA GLY D 6 -3.43 -8.22 7.16
C GLY D 6 -2.71 -9.22 8.01
N ALA D 7 -1.38 -9.17 7.99
CA ALA D 7 -0.54 -10.15 8.70
C ALA D 7 0.34 -9.38 9.63
N LEU D 8 0.31 -9.78 10.91
CA LEU D 8 1.04 -9.05 11.91
C LEU D 8 2.35 -9.73 11.99
N VAL D 9 3.40 -9.00 11.65
CA VAL D 9 4.69 -9.61 11.70
C VAL D 9 5.38 -9.17 12.97
N GLN D 10 5.85 -10.14 13.72
CA GLN D 10 6.53 -9.83 14.96
C GLN D 10 7.95 -10.37 14.92
N CYS D 11 8.92 -9.49 15.10
CA CYS D 11 10.30 -9.89 14.89
C CYS D 11 11.25 -9.02 15.66
N ASP D 12 12.49 -9.45 15.80
CA ASP D 12 13.52 -8.60 16.39
C ASP D 12 13.75 -7.25 15.59
N PRO D 13 14.22 -6.20 16.27
CA PRO D 13 14.27 -4.88 15.62
C PRO D 13 15.18 -4.78 14.37
N SER D 14 16.20 -5.61 14.28
CA SER D 14 17.12 -5.52 13.15
C SER D 14 16.47 -6.14 11.92
N ILE D 15 15.71 -7.21 12.16
CA ILE D 15 14.93 -7.86 11.12
C ILE D 15 13.80 -6.97 10.62
N LYS D 16 13.13 -6.28 11.53
CA LYS D 16 12.19 -5.26 11.08
C LYS D 16 12.89 -4.35 10.08
N ALA D 17 14.08 -3.87 10.44
CA ALA D 17 14.86 -2.99 9.54
C ALA D 17 15.21 -3.69 8.23
N LEU D 18 15.61 -4.96 8.28
CA LEU D 18 15.76 -5.71 7.03
C LEU D 18 14.46 -5.71 6.19
N ILE D 19 13.30 -5.80 6.86
CA ILE D 19 12.07 -5.91 6.10
C ILE D 19 11.72 -4.59 5.47
N LEU D 20 12.02 -3.49 6.14
CA LEU D 20 11.78 -2.20 5.48
C LEU D 20 12.78 -1.98 4.35
N GLN D 21 13.93 -2.65 4.47
CA GLN D 21 14.98 -2.63 3.46
C GLN D 21 14.46 -3.30 2.20
N ILE D 22 13.83 -4.45 2.34
CA ILE D 22 13.23 -5.16 1.20
C ILE D 22 12.07 -4.38 0.58
N ASP D 23 11.27 -3.75 1.42
CA ASP D 23 10.08 -3.04 0.98
C ASP D 23 10.44 -1.75 0.21
N ALA D 24 11.70 -1.34 0.30
CA ALA D 24 12.21 -0.15 -0.42
C ALA D 24 11.87 -0.06 -1.90
N LYS D 25 12.34 -1.02 -2.70
CA LYS D 25 12.22 -0.90 -4.18
C LYS D 25 10.87 -1.40 -4.76
N MET D 26 10.00 -1.87 -3.87
CA MET D 26 8.70 -2.44 -4.22
C MET D 26 7.60 -1.56 -3.60
N SER D 27 7.64 -1.49 -2.26
CA SER D 27 6.75 -0.66 -1.44
C SER D 27 5.36 -1.29 -1.24
N ASP D 28 5.23 -2.55 -1.67
CA ASP D 28 3.95 -3.25 -1.75
C ASP D 28 3.82 -4.29 -0.64
N ILE D 29 4.75 -4.27 0.29
CA ILE D 29 4.84 -5.30 1.27
C ILE D 29 4.30 -4.88 2.63
N VAL D 30 4.92 -3.84 3.20
CA VAL D 30 4.56 -3.33 4.50
C VAL D 30 3.34 -2.45 4.35
N LEU D 31 2.28 -2.78 5.07
CA LEU D 31 1.12 -1.95 5.01
C LEU D 31 1.24 -0.85 6.04
N GLU D 32 1.96 -1.10 7.13
CA GLU D 32 2.09 -0.10 8.18
C GLU D 32 3.11 -0.54 9.18
N GLU D 33 3.87 0.41 9.69
CA GLU D 33 4.77 0.11 10.77
C GLU D 33 4.06 0.24 12.10
N LEU D 34 4.10 -0.81 12.93
CA LEU D 34 3.38 -0.75 14.19
C LEU D 34 4.20 -0.25 15.39
N ASP D 35 5.24 -0.98 15.78
CA ASP D 35 6.25 -0.46 16.73
C ASP D 35 7.59 -1.11 16.38
N ASP D 36 8.60 -1.06 17.26
CA ASP D 36 9.96 -1.47 16.83
C ASP D 36 10.12 -3.01 16.65
N THR D 37 9.00 -3.73 16.72
CA THR D 37 8.97 -5.18 16.80
C THR D 37 7.79 -5.71 15.96
N HIS D 38 7.01 -4.80 15.37
CA HIS D 38 5.81 -5.24 14.68
C HIS D 38 5.56 -4.45 13.41
N LEU D 39 5.15 -5.18 12.40
CA LEU D 39 4.76 -4.63 11.14
C LEU D 39 3.41 -5.22 10.73
N LEU D 40 2.55 -4.39 10.16
CA LEU D 40 1.43 -4.94 9.43
C LEU D 40 1.95 -5.25 8.02
N VAL D 41 1.71 -6.44 7.52
CA VAL D 41 2.26 -6.82 6.24
C VAL D 41 1.20 -7.40 5.34
N ASN D 42 1.38 -7.22 4.04
CA ASN D 42 0.48 -7.86 3.09
C ASN D 42 0.59 -9.38 3.20
N PRO D 43 -0.53 -10.05 3.52
CA PRO D 43 -0.54 -11.50 3.73
C PRO D 43 0.11 -12.27 2.60
N SER D 44 -0.08 -11.80 1.38
CA SER D 44 0.35 -12.56 0.21
C SER D 44 1.83 -12.32 -0.04
N LYS D 45 2.45 -11.49 0.79
CA LYS D 45 3.87 -11.26 0.65
C LYS D 45 4.68 -11.85 1.78
N VAL D 46 4.04 -12.62 2.66
CA VAL D 46 4.74 -13.16 3.83
C VAL D 46 5.75 -14.25 3.49
N GLU D 47 5.39 -15.17 2.59
CA GLU D 47 6.34 -16.20 2.17
C GLU D 47 7.56 -15.61 1.45
N PHE D 48 7.30 -14.72 0.50
CA PHE D 48 8.39 -14.00 -0.13
C PHE D 48 9.32 -13.24 0.87
N VAL D 49 8.76 -12.47 1.79
CA VAL D 49 9.59 -11.82 2.79
C VAL D 49 10.49 -12.82 3.53
N LYS D 50 9.92 -13.86 4.13
CA LYS D 50 10.76 -14.92 4.72
C LYS D 50 11.87 -15.44 3.78
N HIS D 51 11.53 -15.92 2.58
CA HIS D 51 12.56 -16.40 1.61
C HIS D 51 13.67 -15.35 1.38
N GLU D 52 13.28 -14.10 1.20
CA GLU D 52 14.22 -13.00 0.93
C GLU D 52 15.20 -12.73 2.07
N LEU D 53 14.68 -12.59 3.28
CA LEU D 53 15.52 -12.53 4.48
C LEU D 53 16.58 -13.66 4.58
N ASN D 54 16.17 -14.90 4.33
CA ASN D 54 17.07 -16.04 4.21
C ASN D 54 18.12 -15.93 3.12
N ARG D 55 17.75 -15.29 2.01
CA ARG D 55 18.70 -15.04 0.93
C ARG D 55 19.71 -14.00 1.36
N LEU D 56 19.23 -12.85 1.82
CA LEU D 56 20.16 -11.80 2.18
C LEU D 56 21.20 -12.34 3.16
N LEU D 57 20.85 -13.38 3.91
CA LEU D 57 21.83 -14.00 4.80
C LEU D 57 23.01 -14.64 4.08
N SER D 58 22.74 -15.41 3.01
CA SER D 58 23.82 -16.05 2.24
C SER D 58 24.52 -15.12 1.25
N LYS D 59 23.83 -14.09 0.78
CA LYS D 59 24.43 -13.10 -0.10
C LYS D 59 25.49 -12.30 0.64
N ASN D 60 25.14 -11.88 1.86
CA ASN D 60 25.97 -10.99 2.65
C ASN D 60 26.98 -11.69 3.54
N ILE D 61 27.84 -12.51 2.93
CA ILE D 61 28.96 -13.05 3.66
C ILE D 61 30.21 -12.32 3.18
N TYR D 62 30.66 -11.37 4.00
CA TYR D 62 31.79 -10.51 3.68
C TYR D 62 33.01 -11.31 3.31
N ASN D 63 33.73 -10.85 2.29
CA ASN D 63 34.92 -11.54 1.91
C ASN D 63 36.03 -10.53 1.60
N PRO D 64 37.04 -10.46 2.47
CA PRO D 64 38.05 -9.42 2.32
C PRO D 64 38.98 -9.53 1.10
N MET D 65 38.93 -10.64 0.35
CA MET D 65 39.79 -10.77 -0.82
C MET D 65 39.05 -10.60 -2.14
#